data_7CXR
#
_entry.id   7CXR
#
_cell.length_a   1.00
_cell.length_b   1.00
_cell.length_c   1.00
_cell.angle_alpha   90.00
_cell.angle_beta   90.00
_cell.angle_gamma   90.00
#
_symmetry.space_group_name_H-M   'P 1'
#
_entity_poly.entity_id   1
_entity_poly.type   'polypeptide(L)'
_entity_poly.pdbx_seq_one_letter_code
;MDYKDDDDKGSDYKDDDDKGSDYKDDDDKGSDEVDAMVSKGEEDNMAIIKEFMRFKVHMEGSVNGHEFEIEGEGEGRPYE
GTQTAKLKVTKGGPLPFAWDILSPQFMYGSKAYVKHPADIPDYLKLSFPEGFKWERVMNFEDGGVVTVTQDSSLQDGEFI
YKVKLRGTNFPSDGPVMQKKTMGWEASSERMYPEDGALKGEIKQRLKLKDGGHYDAEVKTTYKAKKPVQLPGAYNVNIKL
DITSHNEDYTIVEQYERAEGRHSTGGMDELYKLEVLFQGPEFMQPPPPGPLGDCLRDWEDLQQDFQNIQETHRLYRLKLE
ELTKLQNNCTSSITRQKKRLQELALALKKCKPSLPAEAEGAAQELENQMKERQGLFFDMEAYLPKKNGLYLSLVLGNVNV
TLLSKQAKFAYKDEYEKFKLYLTIILILISFTCRFLLNSRVTDAAFNFLLVWYYCTLTIRESILINNGSRIKGWWVFHHY
VSTFLSGVMLTWPDGLMYQKFRNQFLSFSMYQSFVQFLQYYYQSGCLYRLRALGERHTMDLTVEGFQSWMWRGLTFLLPF
LFFGHFWQLFNALTLFNLAQDPQCKEWQVLMCGFPFLLLFLGNFFTTLRVVHHKFHSQRHGSKKD
;
_entity_poly.pdbx_strand_id   A,B
#
# COMPACT_ATOMS: atom_id res chain seq x y z
N PRO A 290 -27.20 -28.90 35.09
CA PRO A 290 -26.00 -28.54 35.85
C PRO A 290 -24.80 -28.24 34.96
N LEU A 291 -23.86 -29.19 34.89
CA LEU A 291 -22.63 -29.01 34.08
C LEU A 291 -22.42 -30.21 33.13
N GLY A 292 -23.18 -31.29 33.32
CA GLY A 292 -22.99 -32.45 32.47
C GLY A 292 -23.09 -32.13 31.00
N ASP A 293 -23.89 -31.13 30.65
CA ASP A 293 -23.98 -30.71 29.25
C ASP A 293 -22.66 -30.15 28.75
N CYS A 294 -22.01 -29.32 29.58
CA CYS A 294 -20.68 -28.83 29.23
C CYS A 294 -19.71 -30.00 29.05
N LEU A 295 -19.81 -31.00 29.91
CA LEU A 295 -18.96 -32.17 29.77
C LEU A 295 -19.23 -32.91 28.47
N ARG A 296 -20.50 -33.02 28.08
CA ARG A 296 -20.85 -33.75 26.86
C ARG A 296 -20.34 -33.02 25.63
N ASP A 297 -20.61 -31.71 25.53
CA ASP A 297 -20.13 -30.97 24.37
C ASP A 297 -18.61 -30.92 24.34
N TRP A 298 -17.97 -30.88 25.51
CA TRP A 298 -16.51 -30.96 25.57
C TRP A 298 -16.01 -32.28 25.00
N GLU A 299 -16.59 -33.39 25.48
CA GLU A 299 -16.22 -34.71 24.98
C GLU A 299 -16.36 -34.79 23.47
N ASP A 300 -17.46 -34.27 22.93
CA ASP A 300 -17.66 -34.29 21.48
C ASP A 300 -16.58 -33.48 20.76
N LEU A 301 -16.46 -32.20 21.13
CA LEU A 301 -15.50 -31.33 20.50
C LEU A 301 -14.08 -31.89 20.58
N GLN A 302 -13.80 -32.76 21.55
CA GLN A 302 -12.48 -33.39 21.62
C GLN A 302 -12.14 -34.11 20.31
N GLN A 303 -12.89 -35.16 19.97
CA GLN A 303 -12.60 -35.87 18.73
C GLN A 303 -12.87 -35.00 17.52
N ASP A 304 -13.81 -34.05 17.64
CA ASP A 304 -14.03 -33.12 16.53
C ASP A 304 -12.74 -32.40 16.16
N PHE A 305 -12.12 -31.73 17.13
CA PHE A 305 -10.91 -30.98 16.80
C PHE A 305 -9.70 -31.88 16.64
N GLN A 306 -9.76 -33.13 17.10
CA GLN A 306 -8.71 -34.07 16.75
C GLN A 306 -8.74 -34.38 15.26
N ASN A 307 -9.93 -34.67 14.72
CA ASN A 307 -10.06 -34.81 13.28
C ASN A 307 -9.66 -33.51 12.57
N ILE A 308 -10.04 -32.38 13.14
CA ILE A 308 -9.64 -31.10 12.60
C ILE A 308 -8.13 -31.00 12.48
N GLN A 309 -7.42 -31.46 13.51
CA GLN A 309 -5.96 -31.39 13.50
C GLN A 309 -5.36 -32.38 12.51
N GLU A 310 -6.02 -33.51 12.29
CA GLU A 310 -5.58 -34.41 11.21
C GLU A 310 -5.66 -33.70 9.86
N THR A 311 -6.81 -33.10 9.57
CA THR A 311 -6.94 -32.30 8.36
C THR A 311 -5.89 -31.20 8.32
N HIS A 312 -5.55 -30.65 9.48
CA HIS A 312 -4.58 -29.56 9.53
C HIS A 312 -3.19 -30.05 9.19
N ARG A 313 -2.81 -31.23 9.66
CA ARG A 313 -1.53 -31.80 9.28
C ARG A 313 -1.48 -32.05 7.78
N LEU A 314 -2.57 -32.62 7.23
CA LEU A 314 -2.65 -32.81 5.79
C LEU A 314 -2.48 -31.48 5.05
N TYR A 315 -3.14 -30.43 5.55
CA TYR A 315 -3.08 -29.12 4.92
C TYR A 315 -1.67 -28.55 4.96
N ARG A 316 -0.98 -28.71 6.08
CA ARG A 316 0.39 -28.24 6.16
C ARG A 316 1.30 -28.97 5.18
N LEU A 317 1.14 -30.29 5.10
CA LEU A 317 1.89 -31.05 4.10
C LEU A 317 1.61 -30.55 2.69
N LYS A 318 0.36 -30.20 2.42
CA LYS A 318 0.03 -29.73 1.07
C LYS A 318 0.59 -28.34 0.79
N LEU A 319 0.67 -27.52 1.82
CA LEU A 319 1.26 -26.19 1.58
C LEU A 319 2.76 -26.36 1.28
N GLU A 320 3.50 -27.22 2.00
CA GLU A 320 4.90 -27.43 1.65
C GLU A 320 5.02 -28.11 0.29
N GLU A 321 4.04 -28.92 -0.08
CA GLU A 321 4.05 -29.56 -1.39
C GLU A 321 3.97 -28.54 -2.52
N LEU A 322 2.99 -27.63 -2.45
CA LEU A 322 2.89 -26.60 -3.50
C LEU A 322 4.20 -25.81 -3.46
N THR A 323 4.76 -25.50 -2.28
CA THR A 323 5.96 -24.67 -2.26
C THR A 323 7.09 -25.33 -3.04
N LYS A 324 7.29 -26.63 -2.84
CA LYS A 324 8.34 -27.30 -3.57
C LYS A 324 8.01 -27.40 -5.06
N LEU A 325 6.72 -27.51 -5.40
CA LEU A 325 6.37 -27.49 -6.83
C LEU A 325 6.64 -26.14 -7.46
N GLN A 326 6.42 -25.05 -6.73
CA GLN A 326 6.78 -23.74 -7.32
C GLN A 326 8.30 -23.66 -7.44
N ASN A 327 9.10 -24.16 -6.48
CA ASN A 327 10.56 -24.22 -6.69
C ASN A 327 10.81 -24.94 -8.01
N ASN A 328 10.14 -26.07 -8.24
CA ASN A 328 10.37 -26.83 -9.45
C ASN A 328 10.07 -26.00 -10.70
N CYS A 329 8.80 -25.59 -10.83
CA CYS A 329 8.35 -24.83 -12.04
C CYS A 329 9.33 -23.69 -12.31
N THR A 330 10.06 -23.22 -11.30
CA THR A 330 10.93 -22.07 -11.58
C THR A 330 11.92 -22.46 -12.66
N SER A 331 12.45 -23.69 -12.66
CA SER A 331 13.28 -24.12 -13.79
C SER A 331 12.55 -23.95 -15.11
N SER A 332 11.23 -24.17 -15.11
CA SER A 332 10.46 -23.85 -16.31
C SER A 332 10.57 -22.38 -16.65
N ILE A 333 10.53 -21.51 -15.65
CA ILE A 333 10.74 -20.09 -15.90
C ILE A 333 12.11 -19.87 -16.54
N THR A 334 13.13 -20.55 -16.02
CA THR A 334 14.47 -20.40 -16.56
C THR A 334 14.53 -20.77 -18.03
N ARG A 335 13.99 -21.92 -18.39
CA ARG A 335 13.97 -22.30 -19.80
C ARG A 335 13.15 -21.30 -20.60
N GLN A 336 12.00 -20.89 -20.07
CA GLN A 336 11.15 -19.89 -20.70
C GLN A 336 11.94 -18.68 -21.15
N LYS A 337 12.76 -18.13 -20.27
CA LYS A 337 13.56 -17.00 -20.72
C LYS A 337 14.65 -17.45 -21.68
N LYS A 338 15.48 -18.41 -21.26
CA LYS A 338 16.75 -18.64 -21.94
C LYS A 338 16.55 -19.22 -23.33
N ARG A 339 15.86 -20.35 -23.45
CA ARG A 339 15.79 -21.00 -24.75
C ARG A 339 14.93 -20.19 -25.71
N LEU A 340 13.96 -19.48 -25.17
CA LEU A 340 13.16 -18.58 -26.04
C LEU A 340 14.14 -17.59 -26.63
N GLN A 341 14.72 -16.76 -25.78
CA GLN A 341 15.59 -15.71 -26.33
C GLN A 341 16.67 -16.31 -27.23
N GLU A 342 17.04 -17.56 -26.99
CA GLU A 342 18.06 -18.19 -27.82
C GLU A 342 17.54 -18.44 -29.23
N LEU A 343 16.37 -19.07 -29.34
CA LEU A 343 15.76 -19.23 -30.66
C LEU A 343 15.49 -17.88 -31.29
N ALA A 344 15.22 -16.86 -30.47
CA ALA A 344 15.07 -15.51 -30.99
C ALA A 344 16.34 -15.04 -31.68
N LEU A 345 17.48 -15.23 -31.01
CA LEU A 345 18.69 -14.70 -31.64
C LEU A 345 19.04 -15.57 -32.84
N ALA A 346 18.67 -16.85 -32.82
CA ALA A 346 18.88 -17.71 -33.99
C ALA A 346 18.13 -17.16 -35.20
N LEU A 347 16.84 -16.86 -35.03
CA LEU A 347 16.09 -16.27 -36.12
C LEU A 347 16.64 -14.90 -36.51
N LYS A 348 17.16 -14.16 -35.53
CA LYS A 348 17.79 -12.87 -35.81
C LYS A 348 19.03 -13.02 -36.69
N LYS A 349 19.85 -14.04 -36.42
CA LYS A 349 21.00 -14.32 -37.27
C LYS A 349 20.61 -14.98 -38.58
N CYS A 350 19.35 -15.42 -38.73
CA CYS A 350 18.93 -16.02 -39.99
C CYS A 350 18.46 -14.99 -41.02
N LYS A 351 18.25 -13.74 -40.62
CA LYS A 351 17.85 -12.70 -41.56
C LYS A 351 18.73 -12.60 -42.80
N PRO A 352 20.07 -12.77 -42.75
CA PRO A 352 20.87 -12.71 -43.98
C PRO A 352 20.34 -13.59 -45.11
N SER A 353 20.76 -13.27 -46.33
CA SER A 353 20.30 -14.01 -47.51
C SER A 353 20.90 -15.41 -47.51
N LEU A 354 20.04 -16.42 -47.37
CA LEU A 354 20.41 -17.81 -47.33
C LEU A 354 19.52 -18.58 -48.30
N PRO A 355 19.83 -19.87 -48.59
CA PRO A 355 19.02 -20.63 -49.55
C PRO A 355 17.53 -20.71 -49.22
N ALA A 356 16.74 -21.21 -50.18
CA ALA A 356 15.30 -21.34 -49.98
C ALA A 356 14.98 -22.19 -48.76
N GLU A 357 15.81 -23.19 -48.47
CA GLU A 357 15.59 -24.02 -47.29
C GLU A 357 15.63 -23.16 -46.02
N ALA A 358 16.57 -22.22 -45.95
CA ALA A 358 16.74 -21.45 -44.72
C ALA A 358 15.62 -20.44 -44.53
N GLU A 359 15.17 -19.80 -45.62
CA GLU A 359 14.06 -18.88 -45.51
C GLU A 359 12.77 -19.61 -45.15
N GLY A 360 12.54 -20.77 -45.77
CA GLY A 360 11.37 -21.56 -45.39
C GLY A 360 11.42 -22.00 -43.94
N ALA A 361 12.60 -22.43 -43.49
CA ALA A 361 12.74 -22.86 -42.10
C ALA A 361 12.50 -21.71 -41.14
N ALA A 362 13.09 -20.55 -41.41
CA ALA A 362 12.87 -19.39 -40.56
C ALA A 362 11.40 -19.00 -40.55
N GLN A 363 10.73 -19.16 -41.69
CA GLN A 363 9.28 -18.94 -41.74
C GLN A 363 8.57 -19.86 -40.75
N GLU A 364 8.86 -21.16 -40.81
CA GLU A 364 8.24 -22.10 -39.87
C GLU A 364 8.55 -21.72 -38.43
N LEU A 365 9.78 -21.30 -38.18
CA LEU A 365 10.16 -20.92 -36.81
C LEU A 365 9.35 -19.73 -36.34
N GLU A 366 9.13 -18.73 -37.20
CA GLU A 366 8.39 -17.56 -36.72
C GLU A 366 6.91 -17.91 -36.57
N ASN A 367 6.38 -18.75 -37.48
CA ASN A 367 5.01 -19.20 -37.36
C ASN A 367 4.79 -20.03 -36.11
N GLN A 368 5.83 -20.66 -35.56
CA GLN A 368 5.65 -21.37 -34.31
C GLN A 368 5.95 -20.54 -33.07
N MET A 369 6.89 -19.59 -33.14
CA MET A 369 7.30 -18.92 -31.92
C MET A 369 6.18 -18.08 -31.33
N LYS A 370 5.29 -17.52 -32.17
CA LYS A 370 4.17 -16.74 -31.65
C LYS A 370 3.36 -17.57 -30.66
N GLU A 371 2.82 -18.70 -31.11
CA GLU A 371 2.08 -19.56 -30.21
C GLU A 371 2.99 -20.11 -29.11
N ARG A 372 4.30 -20.19 -29.37
CA ARG A 372 5.21 -20.64 -28.33
C ARG A 372 5.23 -19.69 -27.15
N GLN A 373 5.52 -18.41 -27.40
CA GLN A 373 5.48 -17.42 -26.32
C GLN A 373 4.09 -17.34 -25.73
N GLY A 374 3.06 -17.51 -26.55
CA GLY A 374 1.70 -17.54 -26.02
C GLY A 374 1.53 -18.61 -24.96
N LEU A 375 1.90 -19.84 -25.29
CA LEU A 375 1.86 -20.93 -24.33
C LEU A 375 2.67 -20.59 -23.09
N PHE A 376 3.89 -20.09 -23.28
CA PHE A 376 4.76 -19.91 -22.13
C PHE A 376 4.28 -18.78 -21.21
N PHE A 377 3.69 -17.74 -21.78
CA PHE A 377 3.14 -16.67 -20.94
C PHE A 377 1.89 -17.14 -20.22
N ASP A 378 1.00 -17.85 -20.93
CA ASP A 378 -0.14 -18.45 -20.26
C ASP A 378 0.30 -19.34 -19.11
N MET A 379 1.42 -20.03 -19.29
CA MET A 379 1.96 -20.85 -18.21
C MET A 379 2.40 -19.97 -17.04
N GLU A 380 3.29 -19.02 -17.30
CA GLU A 380 3.84 -18.20 -16.22
C GLU A 380 2.78 -17.38 -15.49
N ALA A 381 1.66 -17.10 -16.14
CA ALA A 381 0.65 -16.24 -15.53
C ALA A 381 0.14 -16.78 -14.21
N TYR A 382 0.22 -18.09 -13.98
CA TYR A 382 -0.27 -18.71 -12.76
C TYR A 382 0.83 -19.00 -11.76
N LEU A 383 1.96 -18.30 -11.84
CA LEU A 383 3.05 -18.47 -10.91
C LEU A 383 3.23 -17.22 -10.08
N PRO A 384 3.22 -17.30 -8.75
CA PRO A 384 3.51 -16.12 -7.93
C PRO A 384 4.81 -15.47 -8.36
N LYS A 385 4.77 -14.15 -8.51
CA LYS A 385 5.86 -13.39 -9.10
C LYS A 385 6.51 -12.50 -8.06
N LYS A 386 7.82 -12.30 -8.22
CA LYS A 386 8.56 -11.41 -7.34
C LYS A 386 8.12 -9.97 -7.57
N ASN A 387 7.94 -9.24 -6.48
CA ASN A 387 7.46 -7.87 -6.57
C ASN A 387 8.46 -7.00 -7.34
N GLY A 388 7.96 -5.89 -7.85
CA GLY A 388 8.79 -4.97 -8.60
C GLY A 388 9.64 -4.10 -7.70
N LEU A 389 9.74 -2.81 -8.04
CA LEU A 389 10.52 -1.86 -7.26
C LEU A 389 9.64 -1.03 -6.34
N TYR A 390 8.66 -0.32 -6.89
CA TYR A 390 7.83 0.56 -6.10
C TYR A 390 7.01 -0.22 -5.08
N LEU A 391 6.32 -1.26 -5.54
CA LEU A 391 5.52 -2.05 -4.63
C LEU A 391 6.38 -2.70 -3.56
N SER A 392 7.64 -2.99 -3.89
CA SER A 392 8.54 -3.51 -2.87
C SER A 392 8.89 -2.44 -1.85
N LEU A 393 9.19 -1.23 -2.31
CA LEU A 393 9.55 -0.15 -1.40
C LEU A 393 8.39 0.27 -0.51
N VAL A 394 7.16 -0.01 -0.92
CA VAL A 394 6.04 0.28 -0.02
C VAL A 394 5.69 -0.93 0.84
N LEU A 395 5.26 -2.02 0.22
CA LEU A 395 4.75 -3.17 0.96
C LEU A 395 5.84 -4.12 1.42
N GLY A 396 7.11 -3.70 1.41
CA GLY A 396 8.13 -4.64 1.80
C GLY A 396 8.34 -5.70 0.74
N ASN A 397 8.57 -6.92 1.19
CA ASN A 397 8.70 -8.06 0.28
C ASN A 397 7.58 -9.04 0.60
N VAL A 398 6.42 -8.79 0.00
CA VAL A 398 5.25 -9.65 0.17
C VAL A 398 4.73 -9.98 -1.21
N ASN A 399 4.22 -11.20 -1.38
CA ASN A 399 3.65 -11.60 -2.66
C ASN A 399 2.17 -11.26 -2.69
N VAL A 400 1.75 -10.66 -3.80
CA VAL A 400 0.36 -10.24 -3.96
C VAL A 400 -0.36 -10.96 -5.08
N THR A 401 0.33 -11.72 -5.93
CA THR A 401 -0.29 -12.37 -7.06
C THR A 401 -1.52 -13.15 -6.61
N LEU A 402 -2.53 -13.19 -7.49
CA LEU A 402 -3.80 -13.80 -7.15
C LEU A 402 -3.99 -15.18 -7.79
N LEU A 403 -3.20 -15.55 -8.77
CA LEU A 403 -3.23 -16.92 -9.34
C LEU A 403 -4.64 -17.50 -9.43
N SER A 404 -5.63 -16.73 -9.93
CA SER A 404 -6.96 -17.29 -10.16
C SER A 404 -7.74 -16.30 -11.00
N LYS A 405 -8.13 -16.71 -12.22
CA LYS A 405 -8.77 -15.77 -13.13
C LYS A 405 -9.99 -15.10 -12.50
N GLN A 406 -10.80 -15.88 -11.78
CA GLN A 406 -11.95 -15.30 -11.11
C GLN A 406 -11.51 -14.24 -10.12
N ALA A 407 -10.40 -14.47 -9.43
CA ALA A 407 -9.89 -13.47 -8.51
C ALA A 407 -9.47 -12.21 -9.26
N LYS A 408 -8.85 -12.37 -10.43
CA LYS A 408 -8.47 -11.20 -11.20
C LYS A 408 -9.69 -10.38 -11.61
N PHE A 409 -10.74 -11.05 -12.06
CA PHE A 409 -11.95 -10.31 -12.43
C PHE A 409 -12.55 -9.60 -11.24
N ALA A 410 -12.67 -10.30 -10.12
CA ALA A 410 -13.21 -9.66 -8.92
C ALA A 410 -12.38 -8.46 -8.52
N TYR A 411 -11.06 -8.58 -8.61
CA TYR A 411 -10.19 -7.49 -8.22
C TYR A 411 -10.40 -6.28 -9.12
N LYS A 412 -10.42 -6.50 -10.45
CA LYS A 412 -10.57 -5.37 -11.35
C LYS A 412 -11.93 -4.71 -11.18
N ASP A 413 -12.97 -5.50 -10.95
CA ASP A 413 -14.33 -4.95 -10.72
C ASP A 413 -14.29 -4.01 -9.52
N GLU A 414 -13.58 -4.41 -8.46
CA GLU A 414 -13.42 -3.54 -7.27
C GLU A 414 -12.60 -2.30 -7.65
N TYR A 415 -11.48 -2.51 -8.35
CA TYR A 415 -10.61 -1.38 -8.77
C TYR A 415 -11.44 -0.34 -9.53
N GLU A 416 -12.47 -0.77 -10.25
CA GLU A 416 -13.33 0.15 -10.99
C GLU A 416 -14.36 0.80 -10.09
N LYS A 417 -14.95 0.02 -9.18
CA LYS A 417 -15.97 0.58 -8.29
C LYS A 417 -15.37 1.61 -7.35
N PHE A 418 -14.17 1.33 -6.83
CA PHE A 418 -13.49 2.32 -5.99
C PHE A 418 -13.19 3.60 -6.77
N LYS A 419 -12.69 3.45 -8.00
CA LYS A 419 -12.45 4.62 -8.84
C LYS A 419 -13.71 5.45 -9.00
N LEU A 420 -14.83 4.79 -9.31
CA LEU A 420 -16.08 5.50 -9.53
C LEU A 420 -16.52 6.26 -8.29
N TYR A 421 -16.62 5.56 -7.16
CA TYR A 421 -17.13 6.17 -5.90
C TYR A 421 -16.34 7.44 -5.55
N LEU A 422 -15.01 7.38 -5.69
CA LEU A 422 -14.18 8.55 -5.30
C LEU A 422 -14.26 9.62 -6.39
N THR A 423 -14.47 9.22 -7.64
CA THR A 423 -14.66 10.22 -8.72
C THR A 423 -15.94 11.01 -8.43
N ILE A 424 -16.94 10.37 -7.82
CA ILE A 424 -18.17 11.07 -7.42
C ILE A 424 -17.88 12.03 -6.28
N ILE A 425 -17.19 11.55 -5.25
CA ILE A 425 -16.94 12.45 -4.11
C ILE A 425 -16.03 13.59 -4.52
N LEU A 426 -15.16 13.35 -5.51
CA LEU A 426 -14.30 14.41 -6.03
C LEU A 426 -15.12 15.50 -6.71
N ILE A 427 -15.99 15.12 -7.66
CA ILE A 427 -16.85 16.10 -8.31
C ILE A 427 -17.61 16.92 -7.27
N LEU A 428 -18.23 16.23 -6.32
CA LEU A 428 -19.03 16.93 -5.33
C LEU A 428 -18.20 17.95 -4.56
N ILE A 429 -17.08 17.52 -3.96
CA ILE A 429 -16.31 18.42 -3.13
C ILE A 429 -15.71 19.55 -3.95
N SER A 430 -15.23 19.25 -5.16
CA SER A 430 -14.64 20.29 -6.00
C SER A 430 -15.66 21.37 -6.33
N PHE A 431 -16.85 20.95 -6.78
CA PHE A 431 -17.88 21.92 -7.12
C PHE A 431 -18.28 22.75 -5.91
N THR A 432 -18.44 22.11 -4.75
CA THR A 432 -18.80 22.85 -3.56
C THR A 432 -17.74 23.88 -3.21
N CYS A 433 -16.46 23.48 -3.26
CA CYS A 433 -15.38 24.42 -2.97
C CYS A 433 -15.34 25.55 -4.00
N ARG A 434 -15.77 25.28 -5.22
CA ARG A 434 -15.69 26.30 -6.26
C ARG A 434 -16.83 27.31 -6.18
N PHE A 435 -18.01 26.88 -5.72
CA PHE A 435 -19.16 27.76 -5.70
C PHE A 435 -19.62 28.17 -4.31
N LEU A 436 -19.92 27.22 -3.43
CA LEU A 436 -20.68 27.55 -2.22
C LEU A 436 -19.89 28.43 -1.27
N LEU A 437 -18.56 28.35 -1.31
CA LEU A 437 -17.76 29.31 -0.54
C LEU A 437 -16.33 29.32 -1.06
N ASN A 438 -15.59 30.34 -0.65
CA ASN A 438 -14.22 30.59 -1.06
C ASN A 438 -13.35 30.73 0.18
N SER A 439 -12.67 29.66 0.56
CA SER A 439 -11.83 29.72 1.76
C SER A 439 -10.64 28.79 1.57
N ARG A 440 -9.46 29.34 1.88
CA ARG A 440 -8.20 28.66 1.59
C ARG A 440 -8.08 27.33 2.31
N VAL A 441 -8.67 27.21 3.49
CA VAL A 441 -8.65 25.94 4.21
C VAL A 441 -9.24 24.84 3.35
N THR A 442 -10.36 25.13 2.69
CA THR A 442 -11.01 24.09 1.90
C THR A 442 -10.20 23.74 0.66
N ASP A 443 -9.50 24.71 0.07
CA ASP A 443 -8.58 24.37 -1.01
C ASP A 443 -7.49 23.45 -0.53
N ALA A 444 -7.00 23.67 0.69
CA ALA A 444 -6.01 22.75 1.24
C ALA A 444 -6.58 21.35 1.37
N ALA A 445 -7.79 21.24 1.94
CA ALA A 445 -8.41 19.93 2.10
C ALA A 445 -8.59 19.24 0.77
N PHE A 446 -9.03 20.00 -0.25
CA PHE A 446 -9.23 19.43 -1.56
C PHE A 446 -7.93 18.92 -2.16
N ASN A 447 -6.85 19.71 -2.05
CA ASN A 447 -5.58 19.27 -2.62
C ASN A 447 -5.03 18.07 -1.88
N PHE A 448 -5.29 17.96 -0.58
CA PHE A 448 -4.87 16.78 0.15
C PHE A 448 -5.65 15.56 -0.30
N LEU A 449 -6.97 15.69 -0.48
CA LEU A 449 -7.75 14.58 -1.01
C LEU A 449 -7.20 14.14 -2.36
N LEU A 450 -6.84 15.09 -3.21
CA LEU A 450 -6.32 14.73 -4.53
C LEU A 450 -5.01 13.95 -4.43
N VAL A 451 -4.06 14.45 -3.64
CA VAL A 451 -2.77 13.76 -3.60
C VAL A 451 -2.93 12.36 -3.01
N TRP A 452 -3.78 12.23 -2.00
CA TRP A 452 -4.06 10.92 -1.42
C TRP A 452 -4.64 9.98 -2.46
N TYR A 453 -5.64 10.46 -3.20
CA TYR A 453 -6.31 9.66 -4.21
C TYR A 453 -5.31 9.18 -5.27
N TYR A 454 -4.45 10.08 -5.74
CA TYR A 454 -3.53 9.69 -6.78
C TYR A 454 -2.49 8.68 -6.28
N CYS A 455 -2.03 8.84 -5.04
CA CYS A 455 -1.09 7.85 -4.53
C CYS A 455 -1.76 6.48 -4.39
N THR A 456 -2.98 6.45 -3.89
CA THR A 456 -3.69 5.18 -3.77
C THR A 456 -3.91 4.53 -5.14
N LEU A 457 -4.22 5.33 -6.16
CA LEU A 457 -4.36 4.73 -7.47
C LEU A 457 -3.03 4.19 -7.97
N THR A 458 -1.92 4.85 -7.65
CA THR A 458 -0.64 4.27 -8.01
C THR A 458 -0.47 2.89 -7.41
N ILE A 459 -0.72 2.76 -6.11
CA ILE A 459 -0.58 1.46 -5.44
C ILE A 459 -1.48 0.43 -6.11
N ARG A 460 -2.77 0.75 -6.26
CA ARG A 460 -3.73 -0.18 -6.84
C ARG A 460 -3.29 -0.65 -8.21
N GLU A 461 -3.13 0.29 -9.14
CA GLU A 461 -2.83 -0.13 -10.50
C GLU A 461 -1.45 -0.74 -10.62
N SER A 462 -0.55 -0.51 -9.67
CA SER A 462 0.71 -1.24 -9.74
C SER A 462 0.51 -2.70 -9.34
N ILE A 463 -0.38 -2.98 -8.37
CA ILE A 463 -0.73 -4.39 -8.00
C ILE A 463 -1.37 -4.98 -9.22
N LEU A 464 -2.18 -4.20 -9.94
CA LEU A 464 -2.88 -4.72 -11.11
C LEU A 464 -1.90 -5.04 -12.24
N ILE A 465 -0.91 -4.18 -12.44
CA ILE A 465 0.10 -4.47 -13.45
C ILE A 465 0.85 -5.74 -13.10
N ASN A 466 1.26 -5.88 -11.84
CA ASN A 466 1.99 -7.07 -11.44
C ASN A 466 1.15 -8.32 -11.60
N ASN A 467 -0.16 -8.22 -11.40
CA ASN A 467 -1.02 -9.39 -11.33
C ASN A 467 -1.44 -9.89 -12.70
N GLY A 468 -1.89 -9.00 -13.58
CA GLY A 468 -2.45 -9.41 -14.84
C GLY A 468 -1.99 -8.63 -16.05
N SER A 469 -2.95 -8.00 -16.74
CA SER A 469 -2.69 -7.23 -17.95
C SER A 469 -1.60 -6.19 -17.73
N ARG A 470 -0.98 -5.74 -18.83
CA ARG A 470 0.11 -4.79 -18.75
C ARG A 470 -0.33 -3.48 -19.41
N ILE A 471 -0.45 -2.44 -18.60
CA ILE A 471 -0.78 -1.10 -19.06
C ILE A 471 0.43 -0.18 -19.00
N LYS A 472 1.63 -0.76 -19.09
CA LYS A 472 2.86 0.01 -18.96
C LYS A 472 2.93 1.10 -20.02
N GLY A 473 3.06 2.34 -19.56
CA GLY A 473 3.18 3.46 -20.47
C GLY A 473 2.92 4.78 -19.79
N TRP A 474 2.19 5.66 -20.47
CA TRP A 474 1.96 6.99 -19.95
C TRP A 474 1.07 6.99 -18.71
N TRP A 475 0.25 5.96 -18.52
CA TRP A 475 -0.78 6.00 -17.48
C TRP A 475 -0.24 5.69 -16.09
N VAL A 476 1.06 5.77 -15.88
CA VAL A 476 1.64 5.76 -14.54
C VAL A 476 2.33 7.09 -14.23
N PHE A 477 3.20 7.56 -15.12
CA PHE A 477 3.75 8.88 -14.95
C PHE A 477 2.65 9.93 -14.91
N HIS A 478 1.50 9.66 -15.53
CA HIS A 478 0.37 10.57 -15.40
C HIS A 478 0.07 10.84 -13.94
N HIS A 479 -0.20 9.77 -13.18
CA HIS A 479 -0.48 9.92 -11.73
C HIS A 479 0.73 10.53 -11.03
N TYR A 480 1.94 10.13 -11.45
CA TYR A 480 3.19 10.60 -10.80
C TYR A 480 3.38 12.10 -11.02
N VAL A 481 2.87 12.63 -12.13
CA VAL A 481 3.08 14.09 -12.44
C VAL A 481 1.85 14.89 -11.99
N SER A 482 0.73 14.22 -11.67
CA SER A 482 -0.41 14.95 -11.14
C SER A 482 -0.33 15.09 -9.63
N THR A 483 0.24 14.11 -8.93
CA THR A 483 0.37 14.26 -7.48
C THR A 483 1.33 15.39 -7.14
N PHE A 484 2.46 15.48 -7.83
CA PHE A 484 3.39 16.58 -7.61
C PHE A 484 2.77 17.91 -8.00
N LEU A 485 1.91 17.92 -9.00
CA LEU A 485 1.17 19.14 -9.33
C LEU A 485 0.35 19.62 -8.14
N SER A 486 -0.51 18.74 -7.61
CA SER A 486 -1.32 19.18 -6.48
C SER A 486 -0.46 19.49 -5.28
N GLY A 487 0.69 18.85 -5.16
CA GLY A 487 1.64 19.22 -4.13
C GLY A 487 2.07 20.67 -4.25
N VAL A 488 2.74 21.01 -5.35
CA VAL A 488 3.25 22.36 -5.52
C VAL A 488 2.13 23.38 -5.51
N MET A 489 0.89 22.96 -5.71
CA MET A 489 -0.19 23.91 -5.52
C MET A 489 -0.66 23.97 -4.07
N LEU A 490 -0.28 22.99 -3.24
CA LEU A 490 -0.71 23.02 -1.85
C LEU A 490 -0.10 24.17 -1.06
N THR A 491 0.96 24.82 -1.57
CA THR A 491 1.67 25.84 -0.73
C THR A 491 1.60 27.25 -1.33
N TRP A 492 0.47 27.65 -1.94
CA TRP A 492 0.35 29.04 -2.45
C TRP A 492 0.16 30.03 -1.30
N PRO A 493 0.95 31.12 -1.22
CA PRO A 493 0.86 32.08 -0.11
C PRO A 493 -0.25 33.11 -0.29
N ASP A 494 -1.45 32.65 -0.65
CA ASP A 494 -2.68 33.44 -0.69
C ASP A 494 -2.44 34.88 -1.15
N GLY A 495 -1.69 35.03 -2.22
CA GLY A 495 -1.43 36.36 -2.73
C GLY A 495 -2.58 36.88 -3.58
N LEU A 496 -2.26 37.46 -4.72
CA LEU A 496 -3.26 37.81 -5.74
C LEU A 496 -3.28 36.79 -6.87
N MET A 497 -2.12 36.24 -7.21
CA MET A 497 -2.07 35.20 -8.24
C MET A 497 -3.03 34.07 -7.91
N TYR A 498 -3.16 33.74 -6.63
CA TYR A 498 -4.12 32.72 -6.25
C TYR A 498 -5.54 33.14 -6.62
N GLN A 499 -5.91 34.37 -6.29
CA GLN A 499 -7.25 34.81 -6.63
C GLN A 499 -7.43 35.02 -8.12
N LYS A 500 -6.38 34.90 -8.92
CA LYS A 500 -6.55 34.95 -10.36
C LYS A 500 -6.47 33.58 -11.03
N PHE A 501 -6.01 32.55 -10.32
CA PHE A 501 -5.87 31.21 -10.89
C PHE A 501 -6.88 30.21 -10.34
N ARG A 502 -7.45 30.48 -9.17
CA ARG A 502 -8.24 29.48 -8.46
C ARG A 502 -9.44 29.03 -9.27
N ASN A 503 -10.16 29.96 -9.91
CA ASN A 503 -11.39 29.60 -10.59
C ASN A 503 -11.12 28.67 -11.76
N GLN A 504 -10.13 29.02 -12.59
CA GLN A 504 -9.74 28.14 -13.68
C GLN A 504 -9.38 26.76 -13.16
N PHE A 505 -8.57 26.70 -12.10
CA PHE A 505 -8.14 25.39 -11.64
C PHE A 505 -9.31 24.54 -11.15
N LEU A 506 -10.21 25.14 -10.37
CA LEU A 506 -11.31 24.34 -9.83
C LEU A 506 -12.25 23.86 -10.92
N SER A 507 -12.55 24.74 -11.89
CA SER A 507 -13.39 24.29 -13.00
C SER A 507 -12.74 23.12 -13.73
N PHE A 508 -11.44 23.22 -14.03
CA PHE A 508 -10.78 22.15 -14.75
C PHE A 508 -10.78 20.86 -13.95
N SER A 509 -10.62 20.95 -12.64
CA SER A 509 -10.68 19.75 -11.82
C SER A 509 -12.05 19.10 -11.91
N MET A 510 -13.10 19.91 -11.84
CA MET A 510 -14.46 19.36 -11.95
C MET A 510 -14.65 18.64 -13.27
N TYR A 511 -14.17 19.25 -14.36
CA TYR A 511 -14.40 18.66 -15.68
C TYR A 511 -13.56 17.39 -15.88
N GLN A 512 -12.31 17.38 -15.42
CA GLN A 512 -11.51 16.18 -15.54
C GLN A 512 -12.09 15.04 -14.73
N SER A 513 -12.56 15.33 -13.53
CA SER A 513 -13.31 14.34 -12.77
C SER A 513 -14.52 13.86 -13.55
N PHE A 514 -15.17 14.74 -14.31
CA PHE A 514 -16.31 14.33 -15.14
C PHE A 514 -15.91 13.30 -16.17
N VAL A 515 -14.83 13.57 -16.91
CA VAL A 515 -14.45 12.63 -17.96
C VAL A 515 -14.02 11.31 -17.34
N GLN A 516 -13.45 11.33 -16.14
CA GLN A 516 -13.15 10.05 -15.48
C GLN A 516 -14.42 9.37 -15.02
N PHE A 517 -15.45 10.15 -14.66
CA PHE A 517 -16.72 9.58 -14.22
C PHE A 517 -17.43 8.86 -15.36
N LEU A 518 -17.30 9.38 -16.58
CA LEU A 518 -17.89 8.69 -17.72
C LEU A 518 -16.87 7.91 -18.53
N GLN A 519 -15.65 7.74 -18.01
CA GLN A 519 -14.76 6.73 -18.57
C GLN A 519 -15.11 5.32 -18.10
N TYR A 520 -15.67 5.19 -16.89
CA TYR A 520 -16.04 3.88 -16.38
C TYR A 520 -16.99 3.15 -17.34
N TYR A 521 -18.08 3.82 -17.72
CA TYR A 521 -19.12 3.16 -18.50
C TYR A 521 -18.58 2.50 -19.76
N TYR A 522 -17.68 3.18 -20.46
CA TYR A 522 -17.10 2.59 -21.66
C TYR A 522 -16.27 1.36 -21.33
N GLN A 523 -15.53 1.39 -20.23
CA GLN A 523 -14.76 0.21 -19.83
C GLN A 523 -15.68 -0.96 -19.51
N SER A 524 -16.85 -0.68 -18.93
CA SER A 524 -17.73 -1.75 -18.46
C SER A 524 -18.37 -2.50 -19.63
N GLY A 525 -19.19 -1.80 -20.40
CA GLY A 525 -19.94 -2.42 -21.49
C GLY A 525 -19.01 -2.87 -22.61
N MET A 550 -18.39 -1.71 -29.06
CA MET A 550 -17.24 -1.22 -28.29
C MET A 550 -16.54 -0.08 -29.03
N TRP A 551 -16.22 -0.30 -30.30
CA TRP A 551 -15.58 0.73 -31.10
C TRP A 551 -16.47 1.96 -31.27
N ARG A 552 -17.80 1.77 -31.28
CA ARG A 552 -18.72 2.88 -31.44
C ARG A 552 -18.72 3.81 -30.23
N GLY A 553 -18.15 3.37 -29.11
CA GLY A 553 -18.13 4.21 -27.92
C GLY A 553 -17.21 5.40 -28.05
N LEU A 554 -15.98 5.19 -28.53
CA LEU A 554 -15.03 6.28 -28.71
C LEU A 554 -15.60 7.40 -29.57
N THR A 555 -16.53 7.07 -30.48
CA THR A 555 -17.13 8.05 -31.37
C THR A 555 -17.78 9.20 -30.62
N PHE A 556 -18.13 9.00 -29.36
CA PHE A 556 -18.65 10.09 -28.54
C PHE A 556 -17.66 10.57 -27.49
N LEU A 557 -16.68 9.73 -27.12
CA LEU A 557 -15.77 10.11 -26.05
C LEU A 557 -14.67 11.04 -26.55
N LEU A 558 -14.20 10.82 -27.77
CA LEU A 558 -13.06 11.58 -28.27
C LEU A 558 -13.26 13.10 -28.22
N PRO A 559 -14.44 13.66 -28.54
CA PRO A 559 -14.59 15.12 -28.38
C PRO A 559 -14.38 15.58 -26.95
N PHE A 560 -14.90 14.84 -25.97
CA PHE A 560 -14.70 15.24 -24.58
C PHE A 560 -13.24 15.14 -24.18
N LEU A 561 -12.56 14.08 -24.61
CA LEU A 561 -11.15 13.95 -24.27
C LEU A 561 -10.33 15.09 -24.87
N PHE A 562 -10.64 15.48 -26.10
CA PHE A 562 -9.91 16.60 -26.70
C PHE A 562 -10.24 17.92 -26.02
N PHE A 563 -11.52 18.13 -25.70
CA PHE A 563 -11.89 19.33 -24.96
C PHE A 563 -11.14 19.41 -23.64
N GLY A 564 -10.96 18.27 -22.98
CA GLY A 564 -10.22 18.27 -21.72
C GLY A 564 -8.75 18.57 -21.90
N HIS A 565 -8.11 17.88 -22.84
CA HIS A 565 -6.71 18.19 -23.11
C HIS A 565 -6.52 19.66 -23.41
N PHE A 566 -7.44 20.25 -24.16
CA PHE A 566 -7.27 21.65 -24.51
C PHE A 566 -7.57 22.58 -23.34
N TRP A 567 -8.55 22.24 -22.50
CA TRP A 567 -8.78 23.02 -21.29
C TRP A 567 -7.51 23.06 -20.45
N GLN A 568 -6.86 21.90 -20.28
CA GLN A 568 -5.62 21.84 -19.45
C GLN A 568 -4.47 22.57 -20.15
N LEU A 569 -4.41 22.49 -21.48
CA LEU A 569 -3.36 23.24 -22.23
C LEU A 569 -3.59 24.73 -22.01
N PHE A 570 -4.85 25.17 -22.04
CA PHE A 570 -5.17 26.58 -21.87
C PHE A 570 -4.80 27.04 -20.47
N ASN A 571 -5.04 26.19 -19.45
CA ASN A 571 -4.61 26.55 -18.10
C ASN A 571 -3.09 26.68 -18.02
N ALA A 572 -2.36 25.74 -18.62
CA ALA A 572 -0.91 25.82 -18.61
C ALA A 572 -0.41 27.10 -19.23
N LEU A 573 -1.00 27.50 -20.36
CA LEU A 573 -0.59 28.75 -20.97
C LEU A 573 -0.96 29.94 -20.09
N THR A 574 -2.17 29.94 -19.54
CA THR A 574 -2.56 31.03 -18.64
C THR A 574 -1.53 31.22 -17.54
N LEU A 575 -1.06 30.11 -16.98
CA LEU A 575 -0.09 30.18 -15.89
C LEU A 575 1.27 30.64 -16.39
N PHE A 576 1.85 29.91 -17.35
CA PHE A 576 3.15 30.24 -17.89
C PHE A 576 3.22 31.66 -18.43
N ASN A 577 2.08 32.28 -18.73
CA ASN A 577 2.04 33.67 -19.15
C ASN A 577 1.84 34.62 -17.98
N LEU A 578 0.91 34.30 -17.07
CA LEU A 578 0.57 35.20 -15.93
C LEU A 578 1.84 35.62 -15.18
N ALA A 579 2.93 34.87 -15.34
CA ALA A 579 4.17 35.16 -14.59
C ALA A 579 5.01 36.20 -15.35
N GLN A 580 4.41 37.34 -15.72
CA GLN A 580 5.17 38.31 -16.55
C GLN A 580 4.66 39.75 -16.40
N ASP A 581 3.49 39.99 -15.79
CA ASP A 581 3.03 41.37 -15.76
C ASP A 581 2.87 41.94 -14.37
N PRO A 582 2.26 41.26 -13.40
CA PRO A 582 1.97 41.90 -12.11
C PRO A 582 3.24 42.37 -11.40
N GLN A 583 3.01 43.02 -10.27
CA GLN A 583 4.10 43.60 -9.49
C GLN A 583 5.15 42.55 -9.13
N CYS A 584 4.73 41.33 -8.83
CA CYS A 584 5.66 40.25 -8.54
C CYS A 584 4.92 38.93 -8.66
N LYS A 585 5.56 37.86 -8.18
CA LYS A 585 5.05 36.51 -8.33
C LYS A 585 5.75 35.64 -7.27
N GLU A 586 5.66 34.32 -7.46
CA GLU A 586 6.47 33.38 -6.70
C GLU A 586 7.19 32.44 -7.67
N TRP A 587 7.91 31.45 -7.16
CA TRP A 587 8.40 30.38 -8.02
C TRP A 587 7.31 29.38 -8.35
N GLN A 588 6.23 29.37 -7.55
CA GLN A 588 5.20 28.37 -7.71
C GLN A 588 4.46 28.51 -9.04
N VAL A 589 4.38 29.72 -9.57
CA VAL A 589 3.70 29.91 -10.86
C VAL A 589 4.36 29.04 -11.93
N LEU A 590 5.68 29.09 -12.02
CA LEU A 590 6.37 28.27 -13.01
C LEU A 590 6.34 26.80 -12.61
N MET A 591 6.67 26.51 -11.35
CA MET A 591 6.77 25.11 -10.95
C MET A 591 5.42 24.40 -10.97
N CYS A 592 4.31 25.13 -11.12
CA CYS A 592 2.99 24.54 -11.26
C CYS A 592 2.43 24.63 -12.67
N GLY A 593 2.88 25.60 -13.46
CA GLY A 593 2.50 25.62 -14.86
C GLY A 593 3.17 24.53 -15.65
N PHE A 594 4.42 24.19 -15.31
CA PHE A 594 5.12 23.15 -16.06
C PHE A 594 4.42 21.79 -16.03
N PRO A 595 4.10 21.20 -14.86
CA PRO A 595 3.33 19.97 -14.83
C PRO A 595 2.24 20.05 -15.89
N PHE A 596 1.37 21.04 -15.86
CA PHE A 596 0.21 21.06 -16.75
C PHE A 596 0.62 20.89 -18.21
N LEU A 597 1.65 21.62 -18.64
CA LEU A 597 2.12 21.48 -20.01
C LEU A 597 2.58 20.06 -20.29
N LEU A 598 3.30 19.46 -19.34
CA LEU A 598 3.77 18.10 -19.56
C LEU A 598 2.60 17.12 -19.60
N LEU A 599 1.61 17.31 -18.74
CA LEU A 599 0.40 16.50 -18.79
C LEU A 599 -0.23 16.57 -20.16
N PHE A 600 -0.43 17.78 -20.69
CA PHE A 600 -1.05 17.91 -22.00
C PHE A 600 -0.24 17.17 -23.05
N LEU A 601 1.06 17.46 -23.14
CA LEU A 601 1.89 16.83 -24.15
C LEU A 601 1.78 15.31 -24.09
N GLY A 602 2.10 14.73 -22.94
CA GLY A 602 2.08 13.29 -22.83
C GLY A 602 0.73 12.68 -23.10
N ASN A 603 -0.34 13.28 -22.54
CA ASN A 603 -1.67 12.70 -22.66
C ASN A 603 -2.15 12.74 -24.10
N PHE A 604 -2.07 13.90 -24.74
CA PHE A 604 -2.45 13.98 -26.15
C PHE A 604 -1.65 13.00 -26.99
N PHE A 605 -0.33 12.99 -26.78
CA PHE A 605 0.54 12.10 -27.56
C PHE A 605 0.10 10.66 -27.45
N THR A 606 -0.06 10.17 -26.21
CA THR A 606 -0.36 8.76 -26.01
C THR A 606 -1.76 8.41 -26.52
N THR A 607 -2.74 9.29 -26.28
CA THR A 607 -4.09 8.99 -26.74
C THR A 607 -4.14 8.91 -28.26
N LEU A 608 -3.48 9.85 -28.94
CA LEU A 608 -3.52 9.82 -30.39
C LEU A 608 -2.75 8.62 -30.94
N ARG A 609 -1.62 8.29 -30.33
CA ARG A 609 -0.87 7.12 -30.79
C ARG A 609 -1.69 5.84 -30.62
N VAL A 610 -2.42 5.73 -29.51
CA VAL A 610 -3.22 4.53 -29.28
C VAL A 610 -4.39 4.47 -30.25
N VAL A 611 -5.05 5.60 -30.50
CA VAL A 611 -6.16 5.57 -31.43
C VAL A 611 -5.67 5.28 -32.84
N HIS A 612 -4.46 5.72 -33.18
CA HIS A 612 -3.89 5.39 -34.48
C HIS A 612 -3.55 3.90 -34.56
N HIS A 613 -3.06 3.32 -33.46
CA HIS A 613 -2.78 1.89 -33.45
C HIS A 613 -4.06 1.09 -33.67
N LYS A 614 -5.15 1.49 -32.99
CA LYS A 614 -6.41 0.76 -33.17
C LYS A 614 -6.97 0.98 -34.57
N PHE A 615 -6.79 2.19 -35.12
CA PHE A 615 -7.21 2.45 -36.49
C PHE A 615 -6.45 1.59 -37.48
N HIS A 616 -5.14 1.42 -37.26
CA HIS A 616 -4.35 0.59 -38.16
C HIS A 616 -4.67 -0.89 -37.99
N SER A 617 -5.03 -1.31 -36.77
CA SER A 617 -5.47 -2.69 -36.58
C SER A 617 -6.80 -2.94 -37.28
N GLN A 618 -7.71 -1.95 -37.23
CA GLN A 618 -8.96 -2.07 -37.96
C GLN A 618 -8.72 -2.04 -39.47
N ARG A 619 -7.65 -1.36 -39.91
CA ARG A 619 -7.31 -1.33 -41.34
C ARG A 619 -7.10 -2.74 -41.86
N HIS A 620 -6.14 -3.46 -41.27
CA HIS A 620 -5.89 -4.85 -41.65
C HIS A 620 -6.90 -5.78 -40.98
N PRO B 290 24.44 -24.56 -39.95
CA PRO B 290 23.27 -23.98 -40.62
C PRO B 290 22.10 -23.74 -39.67
N LEU B 291 21.08 -24.60 -39.76
CA LEU B 291 19.88 -24.45 -38.90
C LEU B 291 19.57 -25.77 -38.17
N GLY B 292 20.23 -26.87 -38.55
CA GLY B 292 19.93 -28.14 -37.92
C GLY B 292 20.07 -28.10 -36.42
N ASP B 293 20.95 -27.24 -35.91
CA ASP B 293 21.08 -27.07 -34.46
C ASP B 293 19.81 -26.49 -33.85
N CYS B 294 19.22 -25.49 -34.52
CA CYS B 294 17.95 -24.95 -34.07
C CYS B 294 16.89 -26.04 -34.07
N LEU B 295 16.89 -26.89 -35.10
CA LEU B 295 15.94 -27.99 -35.15
C LEU B 295 16.15 -28.97 -34.00
N ARG B 296 17.41 -29.24 -33.66
CA ARG B 296 17.70 -30.21 -32.59
C ARG B 296 17.25 -29.65 -31.23
N ASP B 297 17.63 -28.41 -30.92
CA ASP B 297 17.22 -27.85 -29.63
C ASP B 297 15.71 -27.66 -29.58
N TRP B 298 15.07 -27.38 -30.71
CA TRP B 298 13.62 -27.31 -30.76
C TRP B 298 13.01 -28.67 -30.43
N GLU B 299 13.48 -29.73 -31.10
CA GLU B 299 13.00 -31.07 -30.82
C GLU B 299 13.12 -31.42 -29.35
N ASP B 300 14.28 -31.10 -28.74
CA ASP B 300 14.47 -31.39 -27.32
C ASP B 300 13.47 -30.63 -26.47
N LEU B 301 13.46 -29.30 -26.60
CA LEU B 301 12.57 -28.47 -25.82
C LEU B 301 11.12 -28.89 -25.97
N GLN B 302 10.76 -29.55 -27.07
CA GLN B 302 9.40 -30.03 -27.22
C GLN B 302 8.99 -30.93 -26.05
N GLN B 303 9.64 -32.09 -25.91
CA GLN B 303 9.29 -32.98 -24.81
C GLN B 303 9.64 -32.35 -23.47
N ASP B 304 10.66 -31.49 -23.44
CA ASP B 304 10.96 -30.79 -22.19
C ASP B 304 9.73 -30.03 -21.69
N PHE B 305 9.18 -29.15 -22.51
CA PHE B 305 8.04 -28.38 -22.04
C PHE B 305 6.76 -29.18 -22.02
N GLN B 306 6.71 -30.33 -22.70
CA GLN B 306 5.58 -31.23 -22.49
C GLN B 306 5.58 -31.80 -21.07
N ASN B 307 6.74 -32.27 -20.61
CA ASN B 307 6.86 -32.67 -19.21
C ASN B 307 6.57 -31.49 -18.29
N ILE B 308 7.05 -30.30 -18.67
CA ILE B 308 6.77 -29.10 -17.90
C ILE B 308 5.27 -28.91 -17.75
N GLN B 309 4.52 -29.11 -18.83
CA GLN B 309 3.08 -28.93 -18.78
C GLN B 309 2.39 -30.01 -17.97
N GLU B 310 2.94 -31.22 -17.96
CA GLU B 310 2.44 -32.24 -17.05
C GLU B 310 2.57 -31.80 -15.60
N THR B 311 3.78 -31.35 -15.22
CA THR B 311 3.98 -30.78 -13.89
C THR B 311 3.03 -29.63 -13.65
N HIS B 312 2.73 -28.85 -14.68
CA HIS B 312 1.87 -27.70 -14.53
C HIS B 312 0.43 -28.11 -14.26
N ARG B 313 -0.04 -29.16 -14.92
CA ARG B 313 -1.37 -29.67 -14.62
C ARG B 313 -1.43 -30.18 -13.19
N LEU B 314 -0.41 -30.91 -12.77
CA LEU B 314 -0.34 -31.36 -11.38
C LEU B 314 -0.39 -30.17 -10.42
N TYR B 315 0.35 -29.12 -10.74
CA TYR B 315 0.41 -27.95 -9.89
C TYR B 315 -0.94 -27.24 -9.81
N ARG B 316 -1.65 -27.15 -10.93
CA ARG B 316 -2.97 -26.55 -10.91
C ARG B 316 -3.94 -27.36 -10.06
N LEU B 317 -3.90 -28.69 -10.20
CA LEU B 317 -4.72 -29.55 -9.34
C LEU B 317 -4.39 -29.32 -7.87
N LYS B 318 -3.11 -29.12 -7.56
CA LYS B 318 -2.74 -28.93 -6.17
C LYS B 318 -3.17 -27.57 -5.64
N LEU B 319 -3.22 -26.58 -6.51
CA LEU B 319 -3.67 -25.24 -6.06
C LEU B 319 -5.18 -25.32 -5.77
N GLU B 320 -5.98 -26.00 -6.59
CA GLU B 320 -7.39 -26.15 -6.25
C GLU B 320 -7.58 -27.04 -5.02
N GLU B 321 -6.66 -27.99 -4.82
CA GLU B 321 -6.73 -28.85 -3.64
C GLU B 321 -6.55 -28.05 -2.36
N LEU B 322 -5.47 -27.26 -2.25
CA LEU B 322 -5.33 -26.42 -1.04
C LEU B 322 -6.55 -25.53 -0.95
N THR B 323 -7.07 -24.95 -2.05
CA THR B 323 -8.19 -24.03 -1.91
C THR B 323 -9.38 -24.72 -1.24
N LYS B 324 -9.69 -25.94 -1.66
CA LYS B 324 -10.81 -26.62 -1.03
C LYS B 324 -10.48 -27.02 0.40
N LEU B 325 -9.21 -27.30 0.71
CA LEU B 325 -8.85 -27.56 2.10
C LEU B 325 -9.01 -26.32 2.96
N GLN B 326 -8.72 -25.15 2.40
CA GLN B 326 -8.94 -23.92 3.19
C GLN B 326 -10.43 -23.76 3.40
N ASN B 327 -11.29 -23.99 2.39
CA ASN B 327 -12.75 -23.96 2.61
C ASN B 327 -13.03 -24.85 3.81
N ASN B 328 -12.49 -26.07 3.80
CA ASN B 328 -12.78 -27.02 4.87
C ASN B 328 -12.41 -26.44 6.23
N CYS B 329 -11.16 -26.03 6.40
CA CYS B 329 -10.71 -25.49 7.70
C CYS B 329 -11.64 -24.36 8.12
N THR B 330 -12.31 -23.66 7.20
CA THR B 330 -13.13 -22.53 7.67
C THR B 330 -14.07 -23.08 8.74
N SER B 331 -14.57 -24.32 8.60
CA SER B 331 -15.43 -24.86 9.65
C SER B 331 -14.69 -24.98 10.97
N SER B 332 -13.40 -25.31 10.92
CA SER B 332 -12.61 -25.28 12.13
C SER B 332 -12.59 -23.89 12.73
N ILE B 333 -12.48 -22.86 11.89
CA ILE B 333 -12.55 -21.49 12.39
C ILE B 333 -13.89 -21.27 13.09
N THR B 334 -14.96 -21.76 12.46
CA THR B 334 -16.30 -21.58 13.04
C THR B 334 -16.38 -22.19 14.43
N ARG B 335 -15.94 -23.44 14.57
CA ARG B 335 -15.96 -24.05 15.90
C ARG B 335 -15.06 -23.28 16.85
N GLN B 336 -13.88 -22.89 16.38
CA GLN B 336 -12.93 -22.09 17.15
C GLN B 336 -13.62 -20.92 17.82
N LYS B 337 -14.39 -20.14 17.06
CA LYS B 337 -15.09 -19.04 17.72
C LYS B 337 -16.21 -19.56 18.60
N LYS B 338 -17.12 -20.37 18.04
CA LYS B 338 -18.41 -20.60 18.67
C LYS B 338 -18.26 -21.42 19.95
N ARG B 339 -17.68 -22.61 19.86
CA ARG B 339 -17.66 -23.48 21.03
C ARG B 339 -16.73 -22.92 22.10
N LEU B 340 -15.71 -22.21 21.68
CA LEU B 340 -14.84 -21.56 22.67
C LEU B 340 -15.72 -20.61 23.45
N GLN B 341 -16.22 -19.59 22.76
CA GLN B 341 -16.99 -18.58 23.49
C GLN B 341 -18.11 -19.23 24.30
N GLU B 342 -18.60 -20.40 23.84
CA GLU B 342 -19.67 -21.06 24.57
C GLU B 342 -19.17 -21.60 25.90
N LEU B 343 -18.07 -22.34 25.89
CA LEU B 343 -17.48 -22.78 27.16
C LEU B 343 -17.08 -21.58 28.01
N ALA B 344 -16.73 -20.46 27.36
CA ALA B 344 -16.46 -19.24 28.11
C ALA B 344 -17.68 -18.79 28.89
N LEU B 345 -18.83 -18.77 28.21
CA LEU B 345 -20.01 -18.25 28.93
C LEU B 345 -20.42 -19.28 29.98
N ALA B 346 -20.15 -20.56 29.74
CA ALA B 346 -20.44 -21.58 30.75
C ALA B 346 -19.65 -21.33 32.02
N LEU B 347 -18.34 -21.10 31.88
CA LEU B 347 -17.53 -20.79 33.05
C LEU B 347 -17.97 -19.47 33.67
N LYS B 348 -18.42 -18.52 32.85
CA LYS B 348 -18.93 -17.26 33.36
C LYS B 348 -20.18 -17.44 34.21
N LYS B 349 -21.08 -18.32 33.79
CA LYS B 349 -22.25 -18.65 34.59
C LYS B 349 -21.92 -19.56 35.77
N CYS B 350 -20.71 -20.12 35.82
CA CYS B 350 -20.35 -20.96 36.94
C CYS B 350 -19.78 -20.18 38.13
N LYS B 351 -19.46 -18.89 37.94
CA LYS B 351 -18.97 -18.07 39.05
C LYS B 351 -19.83 -18.11 40.31
N PRO B 352 -21.19 -18.16 40.24
CA PRO B 352 -21.98 -18.25 41.48
C PRO B 352 -21.54 -19.35 42.43
N SER B 353 -21.92 -19.21 43.70
CA SER B 353 -21.52 -20.18 44.71
C SER B 353 -22.24 -21.50 44.50
N LEU B 354 -21.48 -22.54 44.16
CA LEU B 354 -21.97 -23.88 43.90
C LEU B 354 -21.14 -24.87 44.70
N PRO B 355 -21.57 -26.15 44.76
CA PRO B 355 -20.82 -27.14 45.56
C PRO B 355 -19.35 -27.29 45.20
N ALA B 356 -18.61 -28.01 46.05
CA ALA B 356 -17.18 -28.22 45.81
C ALA B 356 -16.94 -28.88 44.46
N GLU B 357 -17.86 -29.73 44.02
CA GLU B 357 -17.71 -30.36 42.70
C GLU B 357 -17.67 -29.31 41.60
N ALA B 358 -18.53 -28.29 41.70
CA ALA B 358 -18.63 -27.30 40.63
C ALA B 358 -17.43 -26.37 40.61
N GLU B 359 -16.93 -25.97 41.78
CA GLU B 359 -15.73 -25.14 41.81
C GLU B 359 -14.51 -25.91 41.31
N GLY B 360 -14.38 -27.18 41.71
CA GLY B 360 -13.30 -27.99 41.18
C GLY B 360 -13.38 -28.16 39.68
N ALA B 361 -14.60 -28.41 39.18
CA ALA B 361 -14.78 -28.58 37.74
C ALA B 361 -14.43 -27.31 36.99
N ALA B 362 -14.92 -26.16 37.47
CA ALA B 362 -14.59 -24.88 36.83
C ALA B 362 -13.09 -24.63 36.86
N GLN B 363 -12.44 -25.05 37.94
CA GLN B 363 -10.99 -24.97 38.02
C GLN B 363 -10.35 -25.76 36.88
N GLU B 364 -10.76 -27.02 36.71
CA GLU B 364 -10.22 -27.83 35.62
C GLU B 364 -10.49 -27.18 34.27
N LEU B 365 -11.70 -26.62 34.10
CA LEU B 365 -12.03 -25.98 32.84
C LEU B 365 -11.12 -24.79 32.56
N GLU B 366 -10.82 -23.98 33.58
CA GLU B 366 -9.98 -22.82 33.29
C GLU B 366 -8.54 -23.26 33.07
N ASN B 367 -8.09 -24.28 33.80
CA ASN B 367 -6.75 -24.83 33.59
C ASN B 367 -6.61 -25.45 32.20
N GLN B 368 -7.70 -25.87 31.58
CA GLN B 368 -7.58 -26.38 30.21
C GLN B 368 -7.81 -25.31 29.14
N MET B 369 -8.65 -24.32 29.40
CA MET B 369 -9.01 -23.43 28.31
C MET B 369 -7.82 -22.59 27.86
N LYS B 370 -6.89 -22.27 28.77
CA LYS B 370 -5.71 -21.51 28.38
C LYS B 370 -4.98 -22.20 27.25
N GLU B 371 -4.53 -23.44 27.49
CA GLU B 371 -3.87 -24.20 26.43
C GLU B 371 -4.82 -24.47 25.28
N ARG B 372 -6.13 -24.47 25.53
CA ARG B 372 -7.08 -24.66 24.45
C ARG B 372 -7.02 -23.51 23.44
N GLN B 373 -7.20 -22.28 23.92
CA GLN B 373 -7.07 -21.13 23.03
C GLN B 373 -5.67 -21.07 22.44
N GLY B 374 -4.66 -21.47 23.21
CA GLY B 374 -3.32 -21.51 22.65
C GLY B 374 -3.25 -22.39 21.41
N LEU B 375 -3.73 -23.64 21.54
CA LEU B 375 -3.78 -24.54 20.41
C LEU B 375 -4.56 -23.92 19.25
N PHE B 376 -5.72 -23.35 19.54
CA PHE B 376 -6.58 -22.91 18.45
C PHE B 376 -6.00 -21.68 17.75
N PHE B 377 -5.32 -20.80 18.47
CA PHE B 377 -4.69 -19.66 17.83
C PHE B 377 -3.48 -20.11 17.01
N ASP B 378 -2.65 -21.00 17.57
CA ASP B 378 -1.56 -21.57 16.79
C ASP B 378 -2.08 -22.20 15.52
N MET B 379 -3.25 -22.83 15.59
CA MET B 379 -3.87 -23.39 14.40
C MET B 379 -4.23 -22.30 13.40
N GLU B 380 -5.03 -21.33 13.83
CA GLU B 380 -5.52 -20.29 12.92
C GLU B 380 -4.39 -19.45 12.33
N ALA B 381 -3.25 -19.37 12.99
CA ALA B 381 -2.17 -18.52 12.53
C ALA B 381 -1.70 -18.86 11.12
N TYR B 382 -1.90 -20.10 10.68
CA TYR B 382 -1.46 -20.54 9.36
C TYR B 382 -2.58 -20.55 8.34
N LEU B 383 -3.65 -19.79 8.56
CA LEU B 383 -4.76 -19.70 7.62
C LEU B 383 -4.82 -18.31 7.04
N PRO B 384 -4.82 -18.16 5.71
CA PRO B 384 -5.01 -16.83 5.12
C PRO B 384 -6.25 -16.15 5.66
N LYS B 385 -6.09 -14.90 6.04
CA LYS B 385 -7.11 -14.16 6.77
C LYS B 385 -7.69 -13.04 5.91
N LYS B 386 -8.96 -12.77 6.12
CA LYS B 386 -9.63 -11.68 5.43
C LYS B 386 -9.06 -10.35 5.89
N ASN B 387 -8.81 -9.45 4.94
CA ASN B 387 -8.22 -8.16 5.27
C ASN B 387 -9.14 -7.36 6.18
N GLY B 388 -8.54 -6.40 6.88
CA GLY B 388 -9.29 -5.57 7.78
C GLY B 388 -10.05 -4.47 7.06
N LEU B 389 -10.05 -3.27 7.62
CA LEU B 389 -10.74 -2.13 7.02
C LEU B 389 -9.79 -1.22 6.25
N TYR B 390 -8.75 -0.71 6.90
CA TYR B 390 -7.84 0.22 6.24
C TYR B 390 -7.10 -0.44 5.10
N LEU B 391 -6.51 -1.60 5.37
CA LEU B 391 -5.78 -2.29 4.33
C LEU B 391 -6.69 -2.67 3.17
N SER B 392 -7.98 -2.90 3.45
CA SER B 392 -8.92 -3.15 2.38
C SER B 392 -9.17 -1.90 1.56
N LEU B 393 -9.36 -0.77 2.24
CA LEU B 393 -9.63 0.48 1.53
C LEU B 393 -8.44 0.94 0.71
N VAL B 394 -7.23 0.50 1.03
CA VAL B 394 -6.09 0.85 0.19
C VAL B 394 -5.86 -0.22 -0.87
N LEU B 395 -5.51 -1.44 -0.45
CA LEU B 395 -5.11 -2.48 -1.39
C LEU B 395 -6.29 -3.24 -2.00
N GLY B 396 -7.51 -2.72 -1.89
CA GLY B 396 -8.61 -3.49 -2.43
C GLY B 396 -8.91 -4.70 -1.55
N ASN B 397 -9.24 -5.80 -2.21
CA ASN B 397 -9.48 -7.06 -1.50
C ASN B 397 -8.44 -8.05 -2.00
N VAL B 398 -7.27 -8.02 -1.39
CA VAL B 398 -6.18 -8.94 -1.73
C VAL B 398 -5.68 -9.54 -0.43
N ASN B 399 -5.29 -10.81 -0.49
CA ASN B 399 -4.75 -11.47 0.70
C ASN B 399 -3.25 -11.28 0.76
N VAL B 400 -2.77 -10.92 1.96
CA VAL B 400 -1.36 -10.64 2.17
C VAL B 400 -0.70 -11.61 3.13
N THR B 401 -1.45 -12.44 3.84
CA THR B 401 -0.89 -13.34 4.84
C THR B 401 0.27 -14.14 4.25
N LEU B 402 1.27 -14.41 5.09
CA LEU B 402 2.48 -15.07 4.63
C LEU B 402 2.55 -16.54 5.01
N LEU B 403 1.70 -17.00 5.91
CA LEU B 403 1.63 -18.44 6.25
C LEU B 403 2.98 -19.14 6.20
N SER B 404 4.04 -18.57 6.82
CA SER B 404 5.32 -19.28 6.94
C SER B 404 6.19 -18.52 7.92
N LYS B 405 6.54 -19.15 9.04
CA LYS B 405 7.25 -18.46 10.10
C LYS B 405 8.53 -17.80 9.57
N GLN B 406 9.27 -18.51 8.72
CA GLN B 406 10.46 -17.93 8.14
C GLN B 406 10.13 -16.67 7.35
N ALA B 407 9.00 -16.68 6.65
CA ALA B 407 8.58 -15.49 5.93
C ALA B 407 8.26 -14.35 6.88
N LYS B 408 7.64 -14.65 8.02
CA LYS B 408 7.36 -13.60 8.99
C LYS B 408 8.64 -12.98 9.52
N PHE B 409 9.63 -13.80 9.83
CA PHE B 409 10.90 -13.26 10.31
C PHE B 409 11.57 -12.40 9.24
N ALA B 410 11.62 -12.90 8.01
CA ALA B 410 12.22 -12.12 6.93
C ALA B 410 11.49 -10.79 6.76
N TYR B 411 10.16 -10.82 6.85
CA TYR B 411 9.40 -9.59 6.67
C TYR B 411 9.71 -8.60 7.77
N LYS B 412 9.71 -9.04 9.02
CA LYS B 412 9.96 -8.10 10.11
C LYS B 412 11.38 -7.54 10.04
N ASP B 413 12.35 -8.37 9.65
CA ASP B 413 13.75 -7.90 9.52
C ASP B 413 13.78 -6.76 8.48
N GLU B 414 13.03 -6.91 7.39
CA GLU B 414 12.96 -5.84 6.36
C GLU B 414 12.25 -4.62 6.96
N TYR B 415 11.12 -4.85 7.64
CA TYR B 415 10.35 -3.74 8.26
C TYR B 415 11.27 -2.91 9.17
N GLU B 416 12.26 -3.57 9.80
CA GLU B 416 13.19 -2.86 10.67
C GLU B 416 14.27 -2.15 9.87
N LYS B 417 14.80 -2.80 8.84
CA LYS B 417 15.86 -2.19 8.05
C LYS B 417 15.35 -0.97 7.29
N PHE B 418 14.13 -1.04 6.76
CA PHE B 418 13.54 0.13 6.11
C PHE B 418 13.36 1.26 7.10
N LYS B 419 12.84 0.96 8.30
CA LYS B 419 12.71 1.97 9.33
C LYS B 419 14.04 2.65 9.61
N LEU B 420 15.09 1.86 9.78
CA LEU B 420 16.41 2.41 10.10
C LEU B 420 16.92 3.33 9.01
N TYR B 421 16.94 2.83 7.77
CA TYR B 421 17.51 3.61 6.63
C TYR B 421 16.82 4.97 6.52
N LEU B 422 15.50 5.01 6.67
CA LEU B 422 14.77 6.29 6.50
C LEU B 422 14.95 7.15 7.76
N THR B 423 15.13 6.52 8.92
CA THR B 423 15.40 7.30 10.15
C THR B 423 16.74 8.02 9.97
N ILE B 424 17.69 7.41 9.25
CA ILE B 424 18.97 8.05 8.96
C ILE B 424 18.77 9.23 8.01
N ILE B 425 18.04 9.00 6.92
CA ILE B 425 17.87 10.09 5.96
C ILE B 425 17.06 11.22 6.58
N LEU B 426 16.17 10.88 7.51
CA LEU B 426 15.42 11.91 8.23
C LEU B 426 16.32 12.79 9.08
N ILE B 427 17.15 12.18 9.92
CA ILE B 427 18.10 12.96 10.72
C ILE B 427 18.92 13.86 9.84
N LEU B 428 19.48 13.31 8.76
CA LEU B 428 20.34 14.10 7.90
C LEU B 428 19.61 15.31 7.33
N ILE B 429 18.45 15.07 6.68
CA ILE B 429 17.75 16.18 6.03
C ILE B 429 17.26 17.19 7.05
N SER B 430 16.76 16.73 8.19
CA SER B 430 16.27 17.66 9.20
C SER B 430 17.37 18.56 9.70
N PHE B 431 18.52 17.97 10.05
CA PHE B 431 19.63 18.78 10.54
C PHE B 431 20.11 19.77 9.48
N THR B 432 20.20 19.33 8.23
CA THR B 432 20.62 20.24 7.17
C THR B 432 19.66 21.40 7.03
N CYS B 433 18.36 21.11 7.02
CA CYS B 433 17.36 22.17 6.93
C CYS B 433 17.42 23.09 8.13
N ARG B 434 17.83 22.59 9.28
CA ARG B 434 17.83 23.42 10.48
C ARG B 434 19.06 24.31 10.55
N PHE B 435 20.20 23.87 10.02
CA PHE B 435 21.43 24.64 10.13
C PHE B 435 21.91 25.25 8.81
N LEU B 436 22.13 24.44 7.78
CA LEU B 436 22.91 24.90 6.65
C LEU B 436 22.19 26.01 5.87
N LEU B 437 20.86 26.04 5.91
CA LEU B 437 20.16 27.18 5.35
C LEU B 437 18.73 27.22 5.87
N ASN B 438 18.09 28.36 5.65
CA ASN B 438 16.74 28.65 6.13
C ASN B 438 15.89 29.08 4.94
N SER B 439 15.12 28.15 4.38
CA SER B 439 14.29 28.48 3.24
C SER B 439 13.01 27.66 3.29
N ARG B 440 11.89 28.34 3.09
CA ARG B 440 10.58 27.73 3.29
C ARG B 440 10.33 26.57 2.34
N VAL B 441 10.92 26.61 1.14
CA VAL B 441 10.78 25.49 0.22
C VAL B 441 11.28 24.20 0.87
N THR B 442 12.42 24.27 1.55
CA THR B 442 12.97 23.06 2.13
C THR B 442 12.14 22.58 3.31
N ASP B 443 11.53 23.49 4.07
CA ASP B 443 10.59 23.05 5.10
C ASP B 443 9.42 22.31 4.47
N ALA B 444 8.94 22.79 3.33
CA ALA B 444 7.87 22.07 2.64
C ALA B 444 8.33 20.67 2.26
N ALA B 445 9.52 20.56 1.66
CA ALA B 445 10.01 19.25 1.26
C ALA B 445 10.14 18.33 2.46
N PHE B 446 10.64 18.85 3.58
CA PHE B 446 10.80 18.04 4.77
C PHE B 446 9.45 17.56 5.29
N ASN B 447 8.46 18.44 5.34
CA ASN B 447 7.15 18.03 5.85
C ASN B 447 6.49 17.01 4.92
N PHE B 448 6.74 17.12 3.62
CA PHE B 448 6.22 16.11 2.70
C PHE B 448 6.89 14.77 2.92
N LEU B 449 8.21 14.76 3.10
CA LEU B 449 8.89 13.52 3.42
C LEU B 449 8.31 12.89 4.68
N LEU B 450 8.04 13.71 5.69
CA LEU B 450 7.49 13.17 6.93
C LEU B 450 6.12 12.54 6.71
N VAL B 451 5.21 13.25 6.04
CA VAL B 451 3.87 12.69 5.91
C VAL B 451 3.90 11.41 5.07
N TRP B 452 4.74 11.38 4.04
CA TRP B 452 4.90 10.16 3.25
C TRP B 452 5.40 9.02 4.10
N TYR B 453 6.44 9.27 4.89
CA TYR B 453 7.03 8.24 5.75
C TYR B 453 6.00 7.68 6.72
N TYR B 454 5.22 8.56 7.34
CA TYR B 454 4.26 8.07 8.33
C TYR B 454 3.15 7.27 7.67
N CYS B 455 2.70 7.67 6.48
CA CYS B 455 1.67 6.87 5.83
C CYS B 455 2.21 5.50 5.44
N THR B 456 3.44 5.45 4.92
CA THR B 456 4.03 4.16 4.58
C THR B 456 4.19 3.27 5.81
N LEU B 457 4.59 3.85 6.94
CA LEU B 457 4.66 3.02 8.13
C LEU B 457 3.29 2.52 8.55
N THR B 458 2.24 3.32 8.36
CA THR B 458 0.91 2.79 8.65
C THR B 458 0.62 1.56 7.82
N ILE B 459 0.86 1.65 6.51
CA ILE B 459 0.61 0.50 5.63
C ILE B 459 1.41 -0.72 6.09
N ARG B 460 2.72 -0.53 6.29
CA ARG B 460 3.60 -1.64 6.66
C ARG B 460 3.13 -2.29 7.95
N GLU B 461 3.04 -1.53 9.03
CA GLU B 461 2.71 -2.14 10.30
C GLU B 461 1.28 -2.64 10.34
N SER B 462 0.40 -2.17 9.45
CA SER B 462 -0.92 -2.80 9.42
C SER B 462 -0.84 -4.17 8.77
N ILE B 463 -0.03 -4.38 7.73
CA ILE B 463 0.17 -5.75 7.16
C ILE B 463 0.76 -6.55 8.31
N LEU B 464 1.72 -5.98 9.05
CA LEU B 464 2.36 -6.76 10.11
C LEU B 464 1.36 -7.18 11.18
N ILE B 465 0.44 -6.29 11.54
CA ILE B 465 -0.59 -6.65 12.51
C ILE B 465 -1.45 -7.78 11.95
N ASN B 466 -1.86 -7.66 10.69
CA ASN B 466 -2.70 -8.70 10.11
C ASN B 466 -1.97 -10.03 10.04
N ASN B 467 -0.66 -10.00 9.84
CA ASN B 467 0.10 -11.21 9.55
C ASN B 467 0.47 -11.98 10.81
N GLY B 468 1.00 -11.30 11.82
CA GLY B 468 1.52 -11.97 12.98
C GLY B 468 1.14 -11.36 14.31
N SER B 469 2.13 -10.95 15.09
CA SER B 469 1.96 -10.39 16.42
C SER B 469 0.97 -9.24 16.40
N ARG B 470 0.38 -8.94 17.56
CA ARG B 470 -0.62 -7.89 17.67
C ARG B 470 -0.07 -6.76 18.54
N ILE B 471 0.14 -5.60 17.92
CA ILE B 471 0.60 -4.40 18.59
C ILE B 471 -0.53 -3.38 18.71
N LYS B 472 -1.78 -3.86 18.72
CA LYS B 472 -2.94 -2.98 18.75
C LYS B 472 -2.92 -2.08 19.97
N GLY B 473 -2.94 -0.78 19.75
CA GLY B 473 -2.96 0.17 20.83
C GLY B 473 -2.59 1.56 20.40
N TRP B 474 -1.77 2.25 21.19
CA TRP B 474 -1.42 3.62 20.90
C TRP B 474 -0.54 3.76 19.67
N TRP B 475 0.19 2.72 19.30
CA TRP B 475 1.20 2.84 18.27
C TRP B 475 0.65 2.82 16.85
N VAL B 476 -0.65 3.04 16.68
CA VAL B 476 -1.23 3.32 15.37
C VAL B 476 -1.80 4.74 15.30
N PHE B 477 -2.61 5.11 16.28
CA PHE B 477 -3.05 6.50 16.35
C PHE B 477 -1.86 7.44 16.47
N HIS B 478 -0.75 6.96 17.01
CA HIS B 478 0.46 7.79 17.02
C HIS B 478 0.79 8.28 15.63
N HIS B 479 0.95 7.34 14.69
CA HIS B 479 1.26 7.72 13.28
C HIS B 479 0.10 8.52 12.72
N TYR B 480 -1.14 8.17 13.09
CA TYR B 480 -2.34 8.85 12.54
C TYR B 480 -2.40 10.31 13.02
N VAL B 481 -1.85 10.59 14.20
CA VAL B 481 -1.93 11.97 14.75
C VAL B 481 -0.63 12.74 14.44
N SER B 482 0.42 12.03 13.98
CA SER B 482 1.63 12.75 13.58
C SER B 482 1.56 13.16 12.11
N THR B 483 0.91 12.36 11.26
CA THR B 483 0.78 12.77 9.87
C THR B 483 -0.07 14.03 9.73
N PHE B 484 -1.19 14.09 10.45
CA PHE B 484 -2.02 15.29 10.44
C PHE B 484 -1.30 16.48 11.04
N LEU B 485 -0.43 16.25 12.02
CA LEU B 485 0.41 17.32 12.54
C LEU B 485 1.27 17.92 11.44
N SER B 486 2.06 17.08 10.75
CA SER B 486 2.90 17.63 9.70
C SER B 486 2.06 18.22 8.57
N GLY B 487 0.86 17.70 8.37
CA GLY B 487 -0.05 18.34 7.44
C GLY B 487 -0.35 19.76 7.82
N VAL B 488 -0.99 19.96 8.97
CA VAL B 488 -1.39 21.31 9.37
C VAL B 488 -0.18 22.22 9.52
N MET B 489 1.02 21.66 9.64
CA MET B 489 2.18 22.54 9.59
C MET B 489 2.66 22.80 8.16
N LEU B 490 2.19 22.03 7.19
CA LEU B 490 2.62 22.26 5.81
C LEU B 490 2.11 23.57 5.23
N THR B 491 1.12 24.21 5.87
CA THR B 491 0.51 25.42 5.24
C THR B 491 0.70 26.69 6.07
N TRP B 492 1.85 26.88 6.71
CA TRP B 492 2.09 28.15 7.46
C TRP B 492 2.38 29.30 6.49
N PRO B 493 1.68 30.45 6.61
CA PRO B 493 1.85 31.58 5.69
C PRO B 493 3.05 32.47 6.02
N ASP B 494 4.20 31.84 6.28
CA ASP B 494 5.50 32.51 6.44
C ASP B 494 5.39 33.86 7.14
N GLY B 495 4.65 33.89 8.23
CA GLY B 495 4.51 35.13 8.97
C GLY B 495 5.70 35.39 9.88
N LEU B 496 5.44 35.79 11.11
CA LEU B 496 6.46 35.86 12.15
C LEU B 496 6.39 34.68 13.09
N MET B 497 5.19 34.17 13.36
CA MET B 497 5.05 32.98 14.18
C MET B 497 5.91 31.85 13.65
N TYR B 498 6.01 31.73 12.33
CA TYR B 498 6.88 30.71 11.76
C TYR B 498 8.32 30.93 12.18
N GLN B 499 8.79 32.17 12.06
CA GLN B 499 10.17 32.43 12.45
C GLN B 499 10.38 32.36 13.95
N LYS B 500 9.32 32.20 14.74
CA LYS B 500 9.50 31.98 16.16
C LYS B 500 9.29 30.52 16.58
N PHE B 501 8.74 29.68 15.72
CA PHE B 501 8.49 28.28 16.05
C PHE B 501 9.41 27.30 15.31
N ARG B 502 10.00 27.73 14.20
CA ARG B 502 10.69 26.80 13.32
C ARG B 502 11.85 26.11 14.03
N ASN B 503 12.64 26.85 14.80
CA ASN B 503 13.84 26.27 15.38
C ASN B 503 13.49 25.18 16.38
N GLN B 504 12.54 25.47 17.27
CA GLN B 504 12.06 24.45 18.20
C GLN B 504 11.59 23.22 17.46
N PHE B 505 10.79 23.40 16.41
CA PHE B 505 10.24 22.23 15.74
C PHE B 505 11.32 21.40 15.10
N LEU B 506 12.28 22.03 14.42
CA LEU B 506 13.30 21.24 13.73
C LEU B 506 14.19 20.51 14.71
N SER B 507 14.58 21.17 15.80
CA SER B 507 15.37 20.48 16.81
C SER B 507 14.62 19.26 17.34
N PHE B 508 13.34 19.42 17.66
CA PHE B 508 12.59 18.29 18.21
C PHE B 508 12.48 17.17 17.20
N SER B 509 12.33 17.50 15.92
CA SER B 509 12.27 16.45 14.91
C SER B 509 13.59 15.69 14.86
N MET B 510 14.71 16.40 14.92
CA MET B 510 16.00 15.73 14.91
C MET B 510 16.13 14.78 16.09
N TYR B 511 15.71 15.23 17.26
CA TYR B 511 15.88 14.40 18.45
C TYR B 511 14.94 13.19 18.46
N GLN B 512 13.69 13.37 18.02
CA GLN B 512 12.78 12.24 17.95
C GLN B 512 13.28 11.21 16.94
N SER B 513 13.76 11.67 15.79
CA SER B 513 14.42 10.76 14.88
C SER B 513 15.58 10.04 15.54
N PHE B 514 16.31 10.73 16.42
CA PHE B 514 17.41 10.08 17.15
C PHE B 514 16.91 8.92 18.00
N VAL B 515 15.87 9.16 18.79
CA VAL B 515 15.41 8.09 19.67
C VAL B 515 14.86 6.93 18.84
N GLN B 516 14.30 7.22 17.66
CA GLN B 516 13.88 6.11 16.80
C GLN B 516 15.10 5.39 16.21
N PHE B 517 16.18 6.13 15.97
CA PHE B 517 17.40 5.54 15.42
C PHE B 517 18.05 4.58 16.40
N LEU B 518 17.97 4.89 17.69
CA LEU B 518 18.49 3.97 18.70
C LEU B 518 17.40 3.14 19.38
N GLN B 519 16.17 3.17 18.86
CA GLN B 519 15.21 2.16 19.25
C GLN B 519 15.43 0.84 18.53
N TYR B 520 15.97 0.86 17.31
CA TYR B 520 16.22 -0.37 16.58
C TYR B 520 17.11 -1.33 17.38
N TYR B 521 18.25 -0.84 17.85
CA TYR B 521 19.23 -1.71 18.48
C TYR B 521 18.64 -2.52 19.62
N TYR B 522 17.80 -1.90 20.45
CA TYR B 522 17.17 -2.64 21.54
C TYR B 522 16.24 -3.73 21.01
N GLN B 523 15.50 -3.44 19.94
CA GLN B 523 14.64 -4.45 19.36
C GLN B 523 15.44 -5.63 18.82
N SER B 524 16.63 -5.35 18.28
CA SER B 524 17.42 -6.40 17.63
C SER B 524 17.99 -7.38 18.64
N GLY B 525 18.87 -6.90 19.52
CA GLY B 525 19.57 -7.76 20.46
C GLY B 525 18.60 -8.33 21.50
N MET B 550 18.07 -8.25 28.05
CA MET B 550 16.98 -7.53 27.41
C MET B 550 16.40 -6.48 28.34
N TRP B 551 16.04 -6.90 29.56
CA TRP B 551 15.49 -5.96 30.54
C TRP B 551 16.50 -4.88 30.90
N ARG B 552 17.79 -5.17 30.85
CA ARG B 552 18.81 -4.19 31.20
C ARG B 552 18.89 -3.07 30.17
N GLY B 553 18.29 -3.25 28.98
CA GLY B 553 18.35 -2.22 27.97
C GLY B 553 17.54 -0.99 28.31
N LEU B 554 16.30 -1.18 28.77
CA LEU B 554 15.44 -0.06 29.15
C LEU B 554 16.10 0.84 30.18
N THR B 555 17.00 0.29 31.00
CA THR B 555 17.69 1.04 32.04
C THR B 555 18.44 2.24 31.49
N PHE B 556 18.77 2.23 30.20
CA PHE B 556 19.37 3.39 29.58
C PHE B 556 18.43 4.13 28.64
N LEU B 557 17.39 3.46 28.15
CA LEU B 557 16.51 4.09 27.17
C LEU B 557 15.49 5.00 27.84
N LEU B 558 15.01 4.62 29.02
CA LEU B 558 13.94 5.40 29.66
C LEU B 558 14.27 6.87 29.87
N PRO B 559 15.50 7.26 30.27
CA PRO B 559 15.77 8.71 30.36
C PRO B 559 15.61 9.43 29.03
N PHE B 560 16.06 8.82 27.93
CA PHE B 560 15.90 9.46 26.63
C PHE B 560 14.43 9.57 26.25
N LEU B 561 13.65 8.52 26.49
CA LEU B 561 12.25 8.57 26.16
C LEU B 561 11.53 9.65 26.95
N PHE B 562 11.87 9.80 28.24
CA PHE B 562 11.23 10.85 29.03
C PHE B 562 11.69 12.24 28.58
N PHE B 563 12.97 12.39 28.28
CA PHE B 563 13.45 13.67 27.76
C PHE B 563 12.71 14.03 26.48
N GLY B 564 12.42 13.05 25.64
CA GLY B 564 11.69 13.33 24.41
C GLY B 564 10.25 13.72 24.66
N HIS B 565 9.55 12.94 25.48
CA HIS B 565 8.19 13.30 25.83
C HIS B 565 8.13 14.72 26.37
N PHE B 566 9.11 15.09 27.20
CA PHE B 566 9.05 16.42 27.78
C PHE B 566 9.43 17.50 26.79
N TRP B 567 10.38 17.23 25.89
CA TRP B 567 10.67 18.18 24.82
C TRP B 567 9.41 18.48 24.03
N GLN B 568 8.66 17.44 23.67
CA GLN B 568 7.43 17.61 22.86
C GLN B 568 6.34 18.31 23.69
N LEU B 569 6.27 18.02 24.99
CA LEU B 569 5.30 18.71 25.88
C LEU B 569 5.66 20.19 25.91
N PHE B 570 6.95 20.51 26.00
CA PHE B 570 7.40 21.89 26.06
C PHE B 570 7.07 22.62 24.77
N ASN B 571 7.22 21.94 23.63
CA ASN B 571 6.83 22.56 22.37
C ASN B 571 5.32 22.84 22.33
N ALA B 572 4.52 21.87 22.77
CA ALA B 572 3.08 22.07 22.79
C ALA B 572 2.70 23.27 23.64
N LEU B 573 3.32 23.41 24.81
CA LEU B 573 3.02 24.58 25.64
C LEU B 573 3.48 25.86 24.97
N THR B 574 4.69 25.86 24.40
CA THR B 574 5.18 27.04 23.71
C THR B 574 4.17 27.50 22.66
N LEU B 575 3.60 26.56 21.93
CA LEU B 575 2.64 26.90 20.88
C LEU B 575 1.32 27.38 21.47
N PHE B 576 0.70 26.55 22.29
CA PHE B 576 -0.58 26.89 22.91
C PHE B 576 -0.52 28.20 23.70
N ASN B 577 0.67 28.65 24.07
CA ASN B 577 0.83 29.95 24.73
C ASN B 577 1.10 31.05 23.74
N LEU B 578 2.01 30.83 22.77
CA LEU B 578 2.43 31.88 21.80
C LEU B 578 1.21 32.52 21.15
N ALA B 579 0.06 31.85 21.20
CA ALA B 579 -1.16 32.36 20.53
C ALA B 579 -1.90 33.33 21.46
N GLN B 580 -1.22 34.34 22.02
CA GLN B 580 -1.89 35.21 23.01
C GLN B 580 -1.26 36.61 23.10
N ASP B 581 -0.07 36.84 22.53
CA ASP B 581 0.50 38.17 22.74
C ASP B 581 0.72 38.96 21.46
N PRO B 582 1.28 38.39 20.39
CA PRO B 582 1.61 39.23 19.22
C PRO B 582 0.40 39.92 18.62
N GLN B 583 0.67 40.75 17.62
CA GLN B 583 -0.36 41.53 16.96
C GLN B 583 -1.50 40.66 16.44
N CYS B 584 -1.19 39.48 15.92
CA CYS B 584 -2.21 38.54 15.47
C CYS B 584 -1.59 37.16 15.34
N LYS B 585 -2.32 36.25 14.71
CA LYS B 585 -1.93 34.86 14.61
C LYS B 585 -2.70 34.25 13.43
N GLU B 586 -2.73 32.92 13.38
CA GLU B 586 -3.63 32.20 12.49
C GLU B 586 -4.41 31.17 13.29
N TRP B 587 -5.22 30.35 12.63
CA TRP B 587 -5.80 29.19 13.30
C TRP B 587 -4.79 28.06 13.44
N GLN B 588 -3.73 28.10 12.64
CA GLN B 588 -2.78 26.99 12.60
C GLN B 588 -2.04 26.83 13.92
N VAL B 589 -1.85 27.93 14.66
CA VAL B 589 -1.17 27.82 15.94
C VAL B 589 -1.89 26.85 16.86
N LEU B 590 -3.21 26.99 16.98
CA LEU B 590 -3.96 26.08 17.82
C LEU B 590 -4.06 24.70 17.18
N MET B 591 -4.42 24.67 15.89
CA MET B 591 -4.63 23.38 15.25
C MET B 591 -3.36 22.56 15.13
N CYS B 592 -2.19 23.16 15.38
CA CYS B 592 -0.93 22.43 15.40
C CYS B 592 -0.36 22.24 16.79
N GLY B 593 -0.72 23.08 17.75
CA GLY B 593 -0.34 22.82 19.12
C GLY B 593 -1.11 21.67 19.73
N PHE B 594 -2.38 21.50 19.35
CA PHE B 594 -3.16 20.41 19.92
C PHE B 594 -2.58 19.03 19.64
N PRO B 595 -2.34 18.60 18.38
CA PRO B 595 -1.68 17.34 18.13
C PRO B 595 -0.55 17.13 19.15
N PHE B 596 0.39 18.06 19.31
CA PHE B 596 1.54 17.83 20.17
C PHE B 596 1.12 17.45 21.57
N LEU B 597 0.16 18.17 22.14
CA LEU B 597 -0.32 17.84 23.48
C LEU B 597 -0.90 16.43 23.51
N LEU B 598 -1.66 16.07 22.48
CA LEU B 598 -2.25 14.74 22.48
C LEU B 598 -1.18 13.67 22.33
N LEU B 599 -0.17 13.93 21.50
CA LEU B 599 0.95 13.02 21.38
C LEU B 599 1.59 12.79 22.74
N PHE B 600 1.89 13.87 23.46
CA PHE B 600 2.52 13.72 24.77
C PHE B 600 1.66 12.88 25.69
N LEU B 601 0.38 13.26 25.84
CA LEU B 601 -0.50 12.55 26.74
C LEU B 601 -0.52 11.05 26.42
N GLY B 602 -0.89 10.71 25.19
CA GLY B 602 -1.00 9.31 24.83
C GLY B 602 0.30 8.54 24.97
N ASN B 603 1.41 9.15 24.52
CA ASN B 603 2.68 8.45 24.51
C ASN B 603 3.17 8.18 25.93
N PHE B 604 3.18 9.22 26.77
CA PHE B 604 3.59 9.02 28.15
C PHE B 604 2.69 7.99 28.82
N PHE B 605 1.37 8.12 28.65
CA PHE B 605 0.43 7.20 29.27
C PHE B 605 0.76 5.76 28.90
N THR B 606 0.86 5.47 27.60
CA THR B 606 1.04 4.11 27.15
C THR B 606 2.40 3.56 27.56
N THR B 607 3.45 4.37 27.46
CA THR B 607 4.77 3.88 27.85
C THR B 607 4.83 3.54 29.33
N LEU B 608 4.24 4.39 30.17
CA LEU B 608 4.28 4.11 31.59
C LEU B 608 3.42 2.92 31.95
N ARG B 609 2.25 2.79 31.30
CA ARG B 609 1.42 1.62 31.57
C ARG B 609 2.12 0.33 31.17
N VAL B 610 2.82 0.35 30.04
CA VAL B 610 3.52 -0.85 29.59
C VAL B 610 4.67 -1.19 30.52
N VAL B 611 5.44 -0.17 30.95
CA VAL B 611 6.54 -0.47 31.84
C VAL B 611 6.03 -0.95 33.19
N HIS B 612 4.86 -0.47 33.62
CA HIS B 612 4.27 -0.98 34.85
C HIS B 612 3.80 -2.42 34.69
N HIS B 613 3.26 -2.75 33.50
CA HIS B 613 2.86 -4.13 33.26
C HIS B 613 4.06 -5.06 33.31
N LYS B 614 5.17 -4.66 32.69
CA LYS B 614 6.36 -5.51 32.72
C LYS B 614 6.95 -5.58 34.13
N PHE B 615 6.87 -4.47 34.88
CA PHE B 615 7.32 -4.50 36.27
C PHE B 615 6.48 -5.44 37.11
N HIS B 616 5.17 -5.47 36.88
CA HIS B 616 4.30 -6.36 37.64
C HIS B 616 4.49 -7.80 37.22
N SER B 617 4.82 -8.04 35.94
CA SER B 617 5.13 -9.40 35.51
C SER B 617 6.44 -9.88 36.12
N GLN B 618 7.43 -8.99 36.23
CA GLN B 618 8.66 -9.34 36.92
C GLN B 618 8.42 -9.55 38.41
N ARG B 619 7.43 -8.86 38.98
CA ARG B 619 7.09 -9.05 40.39
C ARG B 619 6.75 -10.51 40.67
N HIS B 620 5.74 -11.03 39.98
CA HIS B 620 5.37 -12.43 40.12
C HIS B 620 6.29 -13.32 39.28
#